data_3BU0
#
_entry.id   3BU0
#
_cell.length_a   77.591
_cell.length_b   77.591
_cell.length_c   227.051
_cell.angle_alpha   90.00
_cell.angle_beta   90.00
_cell.angle_gamma   120.00
#
_symmetry.space_group_name_H-M   'P 65 2 2'
#
loop_
_entity.id
_entity.type
_entity.pdbx_description
1 polymer 'Alpha-ketoglutarate-dependent dioxygenase alkB homolog 2'
2 polymer "DNA (5'-D(*CP*TP*GP*TP*AP*TP*(2YR)P*AP*TP*TP*GP*CP*G)-3')"
3 polymer "DNA (5'-D(*DTP*DCP*DGP*DCP*DAP*DAP*DTP*DAP*DAP*DTP*DAP*DCP*DA)-3')"
4 non-polymer '2-OXOGLUTARIC ACID'
5 non-polymer 'MANGANESE (II) ION'
6 water water
#
loop_
_entity_poly.entity_id
_entity_poly.type
_entity_poly.pdbx_seq_one_letter_code
_entity_poly.pdbx_strand_id
1 'polypeptide(L)'
;SWRHIRAEGLDSSYTVLFGKAEADEIFQELEKEVEYFTGALARVQVFGKWHSVPRKQATYGDAGLTYTFSGLTLSPKPWI
PVLERIRDHVSGVTGQTFNFVLINRYKDGSDHIGEHRDDCRELAPGSPIASVSFGASRDFVFRHKDSRGKSPSRRVAVVR
LPLAHGSLLMMNHPTNTHWYHSLPVRKKVLAPRVNLTFRKILL
;
A
2 'polydeoxyribonucleotide' (DC)(DT)(DG)(DT)(DA)(DT)(2YR)(DA)(DT)(DT)(DG)(DC)(DG) B
3 'polydeoxyribonucleotide' (DT)(DC)(DG)(DC)(DA)(DA)(DT)(DA)(DA)(DT)(DA)(DC)(DA) C
#
# COMPACT_ATOMS: atom_id res chain seq x y z
N SER A 1 -15.39 -11.52 -10.12
CA SER A 1 -14.84 -10.78 -11.29
C SER A 1 -13.79 -9.76 -10.85
N TRP A 2 -12.83 -9.51 -11.74
CA TRP A 2 -11.78 -8.53 -11.49
C TRP A 2 -11.91 -7.40 -12.50
N ARG A 3 -11.79 -6.17 -12.02
CA ARG A 3 -11.58 -5.04 -12.91
C ARG A 3 -10.09 -4.97 -13.21
N HIS A 4 -9.73 -5.15 -14.48
CA HIS A 4 -8.34 -5.09 -14.89
C HIS A 4 -7.93 -3.68 -15.27
N ILE A 5 -6.92 -3.17 -14.56
CA ILE A 5 -6.38 -1.85 -14.83
C ILE A 5 -5.16 -2.04 -15.71
N ARG A 6 -5.31 -1.69 -16.99
CA ARG A 6 -4.22 -1.85 -17.93
C ARG A 6 -3.87 -0.56 -18.68
N ALA A 7 -2.57 -0.35 -18.83
CA ALA A 7 -2.00 0.70 -19.68
C ALA A 7 -0.57 0.27 -19.99
N GLU A 8 0.13 1.03 -20.84
CA GLU A 8 1.51 0.72 -21.20
C GLU A 8 2.38 0.56 -19.95
N GLY A 9 2.82 -0.67 -19.70
CA GLY A 9 3.62 -0.99 -18.52
C GLY A 9 2.85 -1.02 -17.22
N LEU A 10 1.53 -0.87 -17.29
CA LEU A 10 0.65 -0.92 -16.14
C LEU A 10 -0.19 -2.18 -16.17
N ASP A 11 -0.12 -2.96 -15.10
CA ASP A 11 -0.90 -4.19 -14.99
C ASP A 11 -1.36 -4.38 -13.55
N SER A 12 -2.59 -3.97 -13.29
CA SER A 12 -3.19 -4.09 -11.96
C SER A 12 -4.59 -4.70 -12.02
N SER A 13 -5.01 -5.26 -10.89
CA SER A 13 -6.30 -5.91 -10.78
C SER A 13 -7.03 -5.48 -9.50
N TYR A 14 -8.31 -5.16 -9.64
CA TYR A 14 -9.14 -4.67 -8.54
C TYR A 14 -10.38 -5.52 -8.33
N THR A 15 -10.68 -5.82 -7.07
CA THR A 15 -11.85 -6.61 -6.69
C THR A 15 -12.21 -6.37 -5.23
N VAL A 16 -13.45 -6.69 -4.87
CA VAL A 16 -13.90 -6.56 -3.48
C VAL A 16 -13.84 -7.93 -2.79
N LEU A 17 -12.98 -8.07 -1.79
CA LEU A 17 -12.88 -9.33 -1.04
C LEU A 17 -13.98 -9.49 -0.01
N PHE A 18 -14.30 -8.40 0.69
CA PHE A 18 -15.22 -8.46 1.82
C PHE A 18 -16.40 -7.54 1.65
N GLY A 19 -17.58 -8.03 2.01
CA GLY A 19 -18.77 -7.20 2.09
C GLY A 19 -18.66 -6.27 3.28
N LYS A 20 -19.68 -5.45 3.49
CA LYS A 20 -19.65 -4.38 4.49
C LYS A 20 -19.49 -4.87 5.93
N ALA A 21 -20.34 -5.82 6.34
CA ALA A 21 -20.34 -6.31 7.72
C ALA A 21 -18.98 -6.88 8.13
N GLU A 22 -18.44 -7.77 7.30
CA GLU A 22 -17.14 -8.40 7.57
C GLU A 22 -16.02 -7.36 7.57
N ALA A 23 -16.00 -6.49 6.55
CA ALA A 23 -15.00 -5.45 6.45
C ALA A 23 -15.05 -4.47 7.63
N ASP A 24 -16.25 -4.23 8.17
CA ASP A 24 -16.40 -3.44 9.40
C ASP A 24 -15.68 -4.10 10.58
N GLU A 25 -15.91 -5.40 10.74
CA GLU A 25 -15.31 -6.17 11.84
C GLU A 25 -13.79 -6.21 11.72
N ILE A 26 -13.29 -6.42 10.52
CA ILE A 26 -11.85 -6.48 10.29
C ILE A 26 -11.19 -5.14 10.61
N PHE A 27 -11.79 -4.06 10.13
CA PHE A 27 -11.33 -2.70 10.41
C PHE A 27 -11.24 -2.41 11.91
N GLN A 28 -12.30 -2.77 12.63
CA GLN A 28 -12.35 -2.59 14.09
C GLN A 28 -11.27 -3.37 14.82
N GLU A 29 -11.01 -4.60 14.37
CA GLU A 29 -9.95 -5.41 14.97
C GLU A 29 -8.58 -4.82 14.64
N LEU A 30 -8.40 -4.35 13.41
CA LEU A 30 -7.17 -3.64 13.04
C LEU A 30 -6.92 -2.42 13.95
N GLU A 31 -7.95 -1.60 14.12
CA GLU A 31 -7.87 -0.42 14.98
C GLU A 31 -7.49 -0.80 16.40
N LYS A 32 -8.04 -1.91 16.86
CA LYS A 32 -7.79 -2.38 18.22
C LYS A 32 -6.41 -3.01 18.40
N GLU A 33 -5.92 -3.70 17.38
CA GLU A 33 -4.75 -4.58 17.54
C GLU A 33 -3.43 -4.04 17.01
N VAL A 34 -3.48 -3.27 15.94
CA VAL A 34 -2.27 -2.84 15.25
C VAL A 34 -1.49 -1.80 16.07
N GLU A 35 -0.20 -2.05 16.24
CA GLU A 35 0.66 -1.13 16.96
C GLU A 35 1.52 -0.35 15.96
N TYR A 36 1.36 0.96 15.97
CA TYR A 36 2.01 1.80 14.96
C TYR A 36 3.33 2.38 15.46
N PHE A 37 4.29 2.49 14.54
CA PHE A 37 5.57 3.13 14.81
C PHE A 37 5.37 4.60 15.16
N THR A 38 6.17 5.08 16.11
CA THR A 38 6.15 6.49 16.49
C THR A 38 7.56 7.06 16.45
N GLY A 39 7.67 8.38 16.65
CA GLY A 39 8.96 9.04 16.90
C GLY A 39 9.97 8.90 15.78
N ALA A 40 11.15 8.44 16.14
CA ALA A 40 12.26 8.24 15.21
C ALA A 40 11.97 7.23 14.10
N LEU A 41 11.00 6.35 14.33
CA LEU A 41 10.64 5.33 13.35
C LEU A 41 9.46 5.77 12.49
N ALA A 42 9.14 7.07 12.56
CA ALA A 42 8.10 7.68 11.74
C ALA A 42 8.63 8.90 11.00
N ARG A 43 9.95 9.02 10.92
CA ARG A 43 10.58 10.13 10.20
C ARG A 43 11.36 9.63 8.99
N VAL A 44 11.16 10.29 7.85
CA VAL A 44 11.89 9.94 6.62
C VAL A 44 12.68 11.12 6.07
N GLN A 45 13.65 10.81 5.20
CA GLN A 45 14.48 11.80 4.56
C GLN A 45 14.23 11.79 3.05
N VAL A 46 13.74 12.91 2.53
CA VAL A 46 13.47 13.07 1.12
C VAL A 46 14.01 14.44 0.71
N PHE A 47 14.67 14.50 -0.44
CA PHE A 47 15.29 15.74 -0.93
C PHE A 47 16.15 16.45 0.11
N GLY A 48 16.86 15.66 0.91
CA GLY A 48 17.81 16.20 1.88
C GLY A 48 17.19 16.74 3.15
N LYS A 49 15.88 16.58 3.30
CA LYS A 49 15.18 17.05 4.50
C LYS A 49 14.37 15.95 5.16
N TRP A 50 14.34 16.01 6.49
CA TRP A 50 13.66 15.02 7.30
C TRP A 50 12.24 15.47 7.62
N HIS A 51 11.31 14.54 7.53
CA HIS A 51 9.90 14.84 7.76
C HIS A 51 9.27 13.71 8.55
N SER A 52 8.31 14.05 9.40
CA SER A 52 7.49 13.02 10.02
C SER A 52 6.48 12.59 8.96
N VAL A 53 6.25 11.29 8.84
CA VAL A 53 5.34 10.82 7.80
C VAL A 53 3.91 11.31 8.09
N PRO A 54 3.21 11.84 7.05
CA PRO A 54 1.86 12.37 7.24
C PRO A 54 0.80 11.26 7.24
N ARG A 55 1.00 10.28 8.14
CA ARG A 55 0.14 9.10 8.30
C ARG A 55 0.80 8.25 9.41
N LYS A 56 0.25 7.07 9.71
CA LYS A 56 0.90 6.12 10.64
C LYS A 56 1.23 4.81 9.91
N GLN A 57 2.36 4.21 10.29
CA GLN A 57 2.83 2.98 9.66
C GLN A 57 3.15 1.89 10.67
N ALA A 58 3.03 0.65 10.20
CA ALA A 58 3.46 -0.52 10.97
C ALA A 58 3.90 -1.60 10.00
N THR A 59 4.83 -2.45 10.44
CA THR A 59 5.25 -3.59 9.65
C THR A 59 5.11 -4.91 10.41
N TYR A 60 4.53 -5.90 9.75
CA TYR A 60 4.42 -7.24 10.30
C TYR A 60 4.94 -8.24 9.29
N GLY A 61 5.47 -9.37 9.77
CA GLY A 61 6.01 -10.38 8.88
C GLY A 61 6.90 -11.37 9.60
N ASP A 62 7.53 -12.26 8.82
CA ASP A 62 8.43 -13.27 9.35
C ASP A 62 9.69 -12.63 9.93
N ALA A 63 10.31 -13.32 10.88
CA ALA A 63 11.51 -12.83 11.55
C ALA A 63 12.71 -12.73 10.59
N GLY A 64 13.59 -11.78 10.86
CA GLY A 64 14.82 -11.61 10.08
C GLY A 64 14.75 -10.52 9.04
N LEU A 65 13.56 -10.34 8.46
CA LEU A 65 13.37 -9.42 7.34
C LEU A 65 13.63 -7.96 7.71
N THR A 66 13.73 -7.11 6.69
CA THR A 66 13.95 -5.67 6.87
C THR A 66 13.33 -4.88 5.72
N TYR A 67 12.87 -3.67 6.04
CA TYR A 67 12.16 -2.85 5.07
C TYR A 67 12.64 -1.39 5.14
N THR A 68 13.39 -0.98 4.14
CA THR A 68 13.98 0.34 4.12
C THR A 68 13.45 1.17 2.94
N PHE A 69 12.81 2.30 3.27
CA PHE A 69 12.48 3.32 2.29
C PHE A 69 12.81 4.70 2.87
N SER A 70 13.22 5.61 1.99
CA SER A 70 13.44 7.02 2.34
C SER A 70 14.24 7.23 3.65
N GLY A 71 15.32 6.45 3.82
CA GLY A 71 16.21 6.62 4.96
C GLY A 71 15.69 6.03 6.25
N LEU A 72 14.59 5.29 6.17
CA LEU A 72 13.95 4.70 7.33
C LEU A 72 13.85 3.18 7.22
N THR A 73 14.49 2.48 8.17
CA THR A 73 14.44 1.02 8.24
C THR A 73 13.41 0.57 9.28
N LEU A 74 12.56 -0.36 8.89
CA LEU A 74 11.45 -0.82 9.73
C LEU A 74 11.55 -2.33 9.91
N SER A 75 11.76 -2.76 11.16
CA SER A 75 11.79 -4.17 11.50
C SER A 75 10.36 -4.68 11.68
N PRO A 76 10.04 -5.85 11.10
CA PRO A 76 8.68 -6.37 11.16
C PRO A 76 8.35 -6.95 12.54
N LYS A 77 7.10 -6.80 12.94
CA LYS A 77 6.59 -7.40 14.18
C LYS A 77 5.99 -8.76 13.89
N PRO A 78 5.97 -9.66 14.90
CA PRO A 78 5.38 -10.97 14.67
C PRO A 78 3.91 -10.90 14.25
N TRP A 79 3.52 -11.75 13.32
CA TRP A 79 2.15 -11.84 12.82
C TRP A 79 1.10 -11.90 13.93
N ILE A 80 -0.04 -11.25 13.71
CA ILE A 80 -1.19 -11.35 14.62
C ILE A 80 -2.39 -11.94 13.88
N PRO A 81 -3.26 -12.67 14.60
CA PRO A 81 -4.37 -13.39 13.96
C PRO A 81 -5.02 -12.67 12.76
N VAL A 82 -5.39 -11.40 12.93
CA VAL A 82 -6.13 -10.68 11.88
C VAL A 82 -5.31 -10.47 10.60
N LEU A 83 -3.99 -10.32 10.72
CA LEU A 83 -3.17 -10.14 9.52
C LEU A 83 -2.93 -11.45 8.79
N GLU A 84 -2.79 -12.53 9.57
CA GLU A 84 -2.65 -13.88 9.02
C GLU A 84 -3.92 -14.31 8.29
N ARG A 85 -5.08 -14.02 8.88
CA ARG A 85 -6.37 -14.32 8.28
C ARG A 85 -6.54 -13.60 6.94
N ILE A 86 -6.15 -12.33 6.87
CA ILE A 86 -6.21 -11.56 5.62
C ILE A 86 -5.16 -12.05 4.61
N ARG A 87 -3.93 -12.24 5.08
CA ARG A 87 -2.85 -12.81 4.27
C ARG A 87 -3.26 -14.13 3.60
N ASP A 88 -3.70 -15.09 4.42
CA ASP A 88 -4.11 -16.41 3.93
C ASP A 88 -5.24 -16.34 2.91
N HIS A 89 -6.22 -15.46 3.16
CA HIS A 89 -7.35 -15.33 2.26
C HIS A 89 -6.93 -14.75 0.92
N VAL A 90 -6.06 -13.73 0.94
CA VAL A 90 -5.51 -13.16 -0.28
C VAL A 90 -4.75 -14.23 -1.06
N SER A 91 -3.96 -15.03 -0.34
CA SER A 91 -3.23 -16.15 -0.93
C SER A 91 -4.16 -17.18 -1.58
N GLY A 92 -5.28 -17.46 -0.91
CA GLY A 92 -6.26 -18.41 -1.44
C GLY A 92 -6.96 -17.88 -2.69
N VAL A 93 -7.09 -16.56 -2.77
CA VAL A 93 -7.79 -15.92 -3.88
C VAL A 93 -6.87 -15.69 -5.09
N THR A 94 -5.60 -15.35 -4.83
CA THR A 94 -4.65 -15.03 -5.90
C THR A 94 -3.72 -16.17 -6.30
N GLY A 95 -3.45 -17.09 -5.37
CA GLY A 95 -2.45 -18.14 -5.57
C GLY A 95 -1.04 -17.70 -5.17
N GLN A 96 -0.90 -16.42 -4.80
CA GLN A 96 0.40 -15.84 -4.46
C GLN A 96 0.67 -15.91 -2.95
N THR A 97 1.95 -15.96 -2.59
CA THR A 97 2.35 -16.01 -1.18
C THR A 97 3.01 -14.70 -0.72
N PHE A 98 2.96 -14.47 0.60
CA PHE A 98 3.45 -13.24 1.21
C PHE A 98 4.06 -13.54 2.59
N ASN A 99 5.15 -12.85 2.91
CA ASN A 99 5.84 -13.03 4.18
C ASN A 99 5.99 -11.71 4.95
N PHE A 100 5.26 -10.70 4.50
CA PHE A 100 5.42 -9.34 4.99
C PHE A 100 4.17 -8.53 4.70
N VAL A 101 3.83 -7.61 5.61
CA VAL A 101 2.78 -6.62 5.35
C VAL A 101 3.16 -5.23 5.88
N LEU A 102 3.04 -4.22 5.03
CA LEU A 102 3.18 -2.83 5.46
C LEU A 102 1.79 -2.23 5.61
N ILE A 103 1.56 -1.60 6.76
CA ILE A 103 0.27 -1.02 7.09
C ILE A 103 0.39 0.49 7.12
N ASN A 104 -0.41 1.16 6.28
CA ASN A 104 -0.49 2.60 6.31
C ASN A 104 -1.88 3.01 6.78
N ARG A 105 -1.92 3.87 7.80
CA ARG A 105 -3.18 4.39 8.34
C ARG A 105 -3.27 5.89 8.13
N TYR A 106 -4.35 6.30 7.47
CA TYR A 106 -4.61 7.69 7.15
C TYR A 106 -5.80 8.11 8.02
N LYS A 107 -5.56 8.95 9.02
CA LYS A 107 -6.60 9.26 10.03
C LYS A 107 -7.78 10.01 9.41
N ASP A 108 -7.50 10.78 8.37
CA ASP A 108 -8.51 11.41 7.56
C ASP A 108 -7.93 11.80 6.19
N GLY A 109 -8.65 12.64 5.46
CA GLY A 109 -8.24 13.03 4.12
C GLY A 109 -7.03 13.95 4.07
N SER A 110 -6.55 14.41 5.22
CA SER A 110 -5.32 15.23 5.23
C SER A 110 -4.09 14.35 5.34
N ASP A 111 -4.25 13.16 5.92
CA ASP A 111 -3.19 12.16 5.87
C ASP A 111 -3.09 11.62 4.44
N HIS A 112 -1.87 11.34 3.99
CA HIS A 112 -1.62 10.98 2.60
C HIS A 112 -0.27 10.30 2.44
N ILE A 113 0.01 9.84 1.21
CA ILE A 113 1.33 9.34 0.85
C ILE A 113 1.80 9.88 -0.50
N GLY A 114 3.09 10.23 -0.56
CA GLY A 114 3.66 10.84 -1.75
C GLY A 114 3.90 9.85 -2.87
N GLU A 115 4.21 10.40 -4.03
CA GLU A 115 4.41 9.63 -5.24
C GLU A 115 5.71 8.83 -5.19
N HIS A 116 5.60 7.53 -5.46
CA HIS A 116 6.76 6.64 -5.45
C HIS A 116 6.49 5.37 -6.22
N ARG A 117 7.56 4.67 -6.58
CA ARG A 117 7.47 3.29 -7.07
C ARG A 117 7.85 2.35 -5.93
N ASP A 118 7.31 1.13 -5.95
CA ASP A 118 7.73 0.10 -5.01
C ASP A 118 8.81 -0.75 -5.67
N ASP A 119 10.04 -0.24 -5.70
CA ASP A 119 11.13 -0.93 -6.38
C ASP A 119 12.36 -1.19 -5.49
N CYS A 120 12.10 -1.63 -4.26
CA CYS A 120 13.16 -1.99 -3.32
C CYS A 120 14.06 -3.12 -3.78
N ARG A 121 15.29 -3.09 -3.28
CA ARG A 121 16.23 -4.18 -3.42
C ARG A 121 15.71 -5.42 -2.71
N GLU A 122 15.07 -5.22 -1.55
CA GLU A 122 14.56 -6.33 -0.75
C GLU A 122 13.26 -6.97 -1.26
N LEU A 123 12.61 -6.32 -2.23
CA LEU A 123 11.43 -6.90 -2.88
C LEU A 123 11.86 -7.98 -3.87
N ALA A 124 11.23 -9.15 -3.76
CA ALA A 124 11.49 -10.25 -4.69
C ALA A 124 11.20 -9.80 -6.12
N PRO A 125 12.09 -10.13 -7.08
CA PRO A 125 11.94 -9.67 -8.46
C PRO A 125 10.67 -10.23 -9.11
N GLY A 126 9.80 -9.31 -9.53
CA GLY A 126 8.56 -9.67 -10.21
C GLY A 126 7.49 -10.26 -9.29
N SER A 127 7.56 -9.93 -8.01
CA SER A 127 6.59 -10.42 -7.04
C SER A 127 5.44 -9.42 -6.96
N PRO A 128 4.18 -9.91 -7.06
CA PRO A 128 3.02 -9.03 -6.97
C PRO A 128 2.85 -8.44 -5.56
N ILE A 129 2.13 -7.33 -5.48
CA ILE A 129 1.85 -6.67 -4.22
C ILE A 129 0.34 -6.65 -4.02
N ALA A 130 -0.10 -7.04 -2.84
CA ALA A 130 -1.53 -7.08 -2.53
C ALA A 130 -1.89 -5.95 -1.58
N SER A 131 -2.75 -5.04 -2.06
CA SER A 131 -3.16 -3.89 -1.29
C SER A 131 -4.62 -4.02 -0.88
N VAL A 132 -4.84 -4.18 0.42
CA VAL A 132 -6.17 -4.41 0.96
C VAL A 132 -6.54 -3.20 1.79
N SER A 133 -7.71 -2.64 1.54
CA SER A 133 -8.12 -1.39 2.17
C SER A 133 -9.32 -1.55 3.07
N PHE A 134 -9.32 -0.78 4.16
CA PHE A 134 -10.43 -0.76 5.09
C PHE A 134 -10.74 0.65 5.54
N GLY A 135 -12.00 0.91 5.88
CA GLY A 135 -12.43 2.23 6.34
C GLY A 135 -12.88 3.12 5.21
N ALA A 136 -12.42 4.36 5.22
CA ALA A 136 -12.83 5.35 4.22
C ALA A 136 -12.29 4.99 2.84
N SER A 137 -13.12 5.22 1.83
CA SER A 137 -12.71 5.07 0.45
C SER A 137 -11.75 6.22 0.11
N ARG A 138 -10.61 5.90 -0.49
CA ARG A 138 -9.69 6.96 -0.91
C ARG A 138 -9.21 6.73 -2.32
N ASP A 139 -8.99 7.84 -3.02
CA ASP A 139 -8.51 7.80 -4.39
C ASP A 139 -7.05 7.44 -4.43
N PHE A 140 -6.71 6.52 -5.32
CA PHE A 140 -5.36 6.02 -5.52
C PHE A 140 -4.96 6.32 -6.97
N VAL A 141 -3.80 6.96 -7.13
CA VAL A 141 -3.41 7.58 -8.39
C VAL A 141 -2.13 6.99 -8.97
N PHE A 142 -2.22 6.53 -10.22
CA PHE A 142 -1.06 6.08 -10.99
C PHE A 142 -0.64 7.15 -12.01
N ARG A 143 0.62 7.57 -11.95
CA ARG A 143 1.21 8.43 -12.97
C ARG A 143 2.42 7.76 -13.64
N HIS A 144 2.51 7.89 -14.95
CA HIS A 144 3.60 7.28 -15.71
C HIS A 144 4.87 8.13 -15.59
N LYS A 145 6.00 7.45 -15.39
CA LYS A 145 7.30 8.11 -15.16
C LYS A 145 7.75 9.05 -16.29
N ASP A 146 7.47 8.67 -17.53
CA ASP A 146 7.85 9.48 -18.69
C ASP A 146 6.87 10.63 -18.93
N SER A 147 5.77 10.63 -18.18
CA SER A 147 4.71 11.63 -18.31
C SER A 147 4.73 12.65 -17.17
N ARG A 148 5.83 12.70 -16.44
CA ARG A 148 5.96 13.59 -15.29
C ARG A 148 6.97 14.70 -15.55
N GLY A 149 6.74 15.84 -14.91
CA GLY A 149 7.73 16.94 -14.88
C GLY A 149 7.56 18.04 -15.90
N LYS A 150 8.54 18.96 -15.90
CA LYS A 150 8.60 20.11 -16.82
C LYS A 150 8.19 19.77 -18.24
N SER A 151 9.05 19.02 -18.93
CA SER A 151 8.75 18.52 -20.27
C SER A 151 8.76 16.99 -20.28
N PRO A 152 7.56 16.37 -20.34
CA PRO A 152 7.48 14.92 -20.42
C PRO A 152 7.80 14.40 -21.81
N SER A 153 8.43 13.23 -21.89
CA SER A 153 8.72 12.57 -23.17
C SER A 153 7.51 11.80 -23.69
N ARG A 154 6.56 11.53 -22.79
CA ARG A 154 5.33 10.80 -23.13
C ARG A 154 4.13 11.49 -22.50
N ARG A 155 2.99 11.41 -23.18
CA ARG A 155 1.75 12.03 -22.71
C ARG A 155 0.73 10.99 -22.25
N VAL A 156 1.20 10.02 -21.48
CA VAL A 156 0.34 8.95 -20.97
C VAL A 156 -0.56 9.44 -19.84
N ALA A 157 -1.86 9.17 -19.97
CA ALA A 157 -2.88 9.66 -19.05
C ALA A 157 -2.71 9.12 -17.63
N VAL A 158 -3.03 9.98 -16.66
CA VAL A 158 -3.08 9.59 -15.25
C VAL A 158 -4.22 8.58 -15.03
N VAL A 159 -3.99 7.60 -14.16
CA VAL A 159 -5.02 6.62 -13.83
C VAL A 159 -5.44 6.73 -12.37
N ARG A 160 -6.71 7.09 -12.17
CA ARG A 160 -7.29 7.29 -10.84
C ARG A 160 -8.30 6.21 -10.50
N LEU A 161 -8.27 5.78 -9.25
CA LEU A 161 -9.00 4.62 -8.79
C LEU A 161 -9.42 4.84 -7.34
N PRO A 162 -10.73 4.79 -7.06
CA PRO A 162 -11.16 4.78 -5.68
C PRO A 162 -10.95 3.40 -5.09
N LEU A 163 -10.24 3.32 -3.96
CA LEU A 163 -10.09 2.04 -3.25
C LEU A 163 -11.15 1.92 -2.15
N ALA A 164 -12.08 0.98 -2.33
CA ALA A 164 -13.24 0.87 -1.45
C ALA A 164 -12.93 0.10 -0.16
N HIS A 165 -13.78 0.30 0.84
CA HIS A 165 -13.79 -0.48 2.07
C HIS A 165 -13.86 -1.97 1.73
N GLY A 166 -12.87 -2.74 2.20
CA GLY A 166 -12.84 -4.19 1.96
C GLY A 166 -12.36 -4.64 0.59
N SER A 167 -11.70 -3.75 -0.15
CA SER A 167 -11.25 -4.07 -1.50
C SER A 167 -9.83 -4.64 -1.56
N LEU A 168 -9.49 -5.23 -2.70
CA LEU A 168 -8.14 -5.70 -2.96
C LEU A 168 -7.64 -5.17 -4.30
N LEU A 169 -6.50 -4.48 -4.26
CA LEU A 169 -5.78 -4.10 -5.48
C LEU A 169 -4.50 -4.93 -5.59
N MET A 170 -4.39 -5.67 -6.70
CA MET A 170 -3.17 -6.41 -7.02
C MET A 170 -2.29 -5.58 -7.94
N MET A 171 -1.06 -5.36 -7.53
CA MET A 171 -0.10 -4.68 -8.39
C MET A 171 0.97 -5.67 -8.89
N ASN A 172 0.78 -6.10 -10.13
CA ASN A 172 1.67 -7.06 -10.77
C ASN A 172 2.81 -6.36 -11.48
N HIS A 173 3.89 -7.09 -11.71
CA HIS A 173 5.03 -6.60 -12.49
C HIS A 173 4.59 -6.43 -13.95
N PRO A 174 5.05 -5.37 -14.64
CA PRO A 174 5.99 -4.34 -14.22
C PRO A 174 5.36 -2.99 -13.83
N THR A 175 4.15 -3.01 -13.27
CA THR A 175 3.50 -1.77 -12.83
C THR A 175 4.48 -0.83 -12.15
N ASN A 176 5.18 -1.35 -11.13
CA ASN A 176 6.12 -0.55 -10.33
C ASN A 176 7.45 -0.18 -11.01
N THR A 177 7.68 -0.67 -12.22
CA THR A 177 8.84 -0.23 -12.98
C THR A 177 8.59 1.12 -13.68
N HIS A 178 7.34 1.31 -14.16
CA HIS A 178 7.03 2.47 -14.99
C HIS A 178 6.09 3.50 -14.34
N TRP A 179 5.31 3.04 -13.35
CA TRP A 179 4.27 3.88 -12.78
C TRP A 179 4.51 4.21 -11.31
N TYR A 180 4.41 5.49 -10.99
CA TYR A 180 4.44 5.95 -9.61
C TYR A 180 3.01 5.92 -9.10
N HIS A 181 2.86 5.65 -7.81
CA HIS A 181 1.54 5.73 -7.20
C HIS A 181 1.54 6.62 -5.97
N SER A 182 0.36 7.12 -5.61
CA SER A 182 0.21 7.97 -4.46
C SER A 182 -1.22 7.94 -3.96
N LEU A 183 -1.42 8.41 -2.74
CA LEU A 183 -2.75 8.64 -2.20
C LEU A 183 -2.81 10.13 -1.87
N PRO A 184 -3.36 10.93 -2.79
CA PRO A 184 -3.33 12.37 -2.54
C PRO A 184 -4.31 12.79 -1.45
N VAL A 185 -4.09 13.99 -0.95
CA VAL A 185 -4.96 14.62 0.02
C VAL A 185 -6.37 14.71 -0.55
N ARG A 186 -7.33 14.34 0.29
CA ARG A 186 -8.75 14.46 -0.01
C ARG A 186 -9.40 15.14 1.19
N LYS A 187 -9.51 16.46 1.12
CA LYS A 187 -9.94 17.28 2.27
C LYS A 187 -11.37 17.04 2.80
N LYS A 188 -12.21 16.40 2.00
CA LYS A 188 -13.59 16.13 2.41
C LYS A 188 -13.71 14.83 3.21
N VAL A 189 -12.70 13.97 3.13
CA VAL A 189 -12.74 12.70 3.83
C VAL A 189 -12.39 12.90 5.31
N LEU A 190 -13.34 12.58 6.18
CA LEU A 190 -13.21 12.81 7.62
C LEU A 190 -12.83 11.53 8.40
N ALA A 191 -13.00 10.38 7.77
CA ALA A 191 -12.85 9.10 8.45
C ALA A 191 -11.49 8.43 8.19
N PRO A 192 -11.01 7.61 9.15
CA PRO A 192 -9.75 6.91 8.95
C PRO A 192 -9.81 5.82 7.88
N ARG A 193 -8.65 5.47 7.34
CA ARG A 193 -8.50 4.38 6.41
C ARG A 193 -7.26 3.58 6.81
N VAL A 194 -7.35 2.25 6.76
CA VAL A 194 -6.21 1.37 7.02
C VAL A 194 -5.90 0.55 5.77
N ASN A 195 -4.69 0.69 5.25
CA ASN A 195 -4.27 -0.06 4.07
C ASN A 195 -3.18 -1.07 4.39
N LEU A 196 -3.37 -2.28 3.90
CA LEU A 196 -2.40 -3.34 4.11
C LEU A 196 -1.79 -3.67 2.77
N THR A 197 -0.47 -3.50 2.65
CA THR A 197 0.21 -3.98 1.45
C THR A 197 1.08 -5.17 1.72
N PHE A 198 0.57 -6.34 1.36
CA PHE A 198 1.28 -7.61 1.52
C PHE A 198 2.33 -7.73 0.42
N ARG A 199 3.52 -8.18 0.83
CA ARG A 199 4.67 -8.26 -0.06
C ARG A 199 5.46 -9.54 0.19
N LYS A 200 6.28 -9.92 -0.79
CA LYS A 200 7.29 -10.97 -0.60
C LYS A 200 8.69 -10.34 -0.52
N ILE A 201 9.32 -10.49 0.64
CA ILE A 201 10.62 -9.87 0.93
C ILE A 201 11.74 -10.91 1.01
N LEU A 202 12.89 -10.55 0.45
CA LEU A 202 14.10 -11.39 0.53
C LEU A 202 14.71 -11.27 1.93
N LEU A 203 15.29 -12.36 2.41
CA LEU A 203 15.91 -12.43 3.74
C LEU A 203 17.17 -11.57 3.83
#